data_1Q20
#
_entry.id   1Q20
#
_cell.length_a   75.962
_cell.length_b   75.962
_cell.length_c   253.623
_cell.angle_alpha   90.00
_cell.angle_beta   90.00
_cell.angle_gamma   90.00
#
_symmetry.space_group_name_H-M   'P 41 21 2'
#
loop_
_entity.id
_entity.type
_entity.pdbx_description
1 polymer 'sulfotransferase family, cytosolic, 2B, member 1 isoform b'
2 non-polymer 'SODIUM ION'
3 non-polymer "ADENOSINE-3'-5'-DIPHOSPHATE"
4 non-polymer (3BETA)-3-HYDROXYPREGN-5-EN-20-ONE
5 water water
#
_entity_poly.entity_id   1
_entity_poly.type   'polypeptide(L)'
_entity_poly.pdbx_seq_one_letter_code
;GSPNSDISEISQKLPGEYFRYKGVPFPVGLYSLESISLAENTQDVRDDDIFIITYPKSGTTWMIEIICLILKEGDPSWIR
SVPIWERAPWCETIVGAFSLPDQYSPRLMSSHLPIQIFTKAFFSSKAKVIYMGRNPRDVVVSLYHYSKIAGQLKDPGTPD
QFLRDFLKGEVQFGSWFDHIKGWLRMKGKDNFLFITYEELQQDLQGSVERICGFLGRPLGKEALGSVVAHSTFSAMKANT
MSNYTLLPPSLLDHRRGAFLRKGVCGDWKNHFTVAQSEAFDRAYRKQMRGMPTFPWDED
;
_entity_poly.pdbx_strand_id   A
#
loop_
_chem_comp.id
_chem_comp.type
_chem_comp.name
_chem_comp.formula
A3P RNA linking ADENOSINE-3'-5'-DIPHOSPHATE 'C10 H15 N5 O10 P2'
NA non-polymer 'SODIUM ION' 'Na 1'
PLO non-polymer (3BETA)-3-HYDROXYPREGN-5-EN-20-ONE 'C21 H32 O2'
#
# COMPACT_ATOMS: atom_id res chain seq x y z
N SER A 5 22.47 -11.30 1.57
CA SER A 5 23.08 -11.83 0.33
C SER A 5 22.10 -12.66 -0.50
N ASP A 6 20.97 -13.04 0.10
CA ASP A 6 19.98 -13.80 -0.64
C ASP A 6 19.12 -12.76 -1.38
N ILE A 7 18.73 -11.72 -0.66
CA ILE A 7 17.92 -10.63 -1.22
C ILE A 7 18.76 -9.73 -2.15
N SER A 8 20.06 -9.65 -1.88
CA SER A 8 20.96 -8.85 -2.69
C SER A 8 21.13 -9.46 -4.08
N GLU A 9 21.20 -10.79 -4.14
CA GLU A 9 21.36 -11.48 -5.41
C GLU A 9 20.07 -11.35 -6.23
N ILE A 10 18.93 -11.55 -5.56
CA ILE A 10 17.64 -11.45 -6.22
C ILE A 10 17.45 -10.05 -6.80
N SER A 11 17.69 -9.03 -6.00
CA SER A 11 17.53 -7.65 -6.44
C SER A 11 18.34 -7.30 -7.68
N GLN A 12 19.55 -7.86 -7.80
CA GLN A 12 20.40 -7.56 -8.95
C GLN A 12 19.96 -8.29 -10.21
N LYS A 13 19.07 -9.26 -10.07
CA LYS A 13 18.56 -10.03 -11.21
C LYS A 13 17.19 -9.55 -11.69
N LEU A 14 16.63 -8.57 -11.00
CA LEU A 14 15.32 -8.04 -11.37
C LEU A 14 15.33 -7.48 -12.79
N PRO A 15 14.44 -8.00 -13.67
CA PRO A 15 14.33 -7.60 -15.06
C PRO A 15 13.58 -6.30 -15.32
N GLY A 16 12.73 -5.92 -14.37
CA GLY A 16 11.94 -4.72 -14.58
C GLY A 16 10.86 -5.03 -15.61
N GLU A 17 10.21 -6.18 -15.44
CA GLU A 17 9.14 -6.61 -16.35
C GLU A 17 7.92 -7.13 -15.59
N TYR A 18 6.89 -7.51 -16.34
CA TYR A 18 5.65 -8.03 -15.76
C TYR A 18 5.28 -9.41 -16.28
N PHE A 19 4.39 -10.08 -15.55
CA PHE A 19 3.84 -11.38 -15.94
C PHE A 19 2.40 -11.31 -15.44
N ARG A 20 1.53 -12.19 -15.93
CA ARG A 20 0.14 -12.13 -15.52
C ARG A 20 -0.39 -13.31 -14.74
N TYR A 21 -1.21 -13.00 -13.73
CA TYR A 21 -1.85 -14.02 -12.92
C TYR A 21 -3.34 -13.70 -13.00
N LYS A 22 -4.10 -14.59 -13.65
CA LYS A 22 -5.53 -14.38 -13.80
C LYS A 22 -5.82 -12.98 -14.38
N GLY A 23 -5.12 -12.65 -15.45
CA GLY A 23 -5.31 -11.37 -16.11
C GLY A 23 -4.70 -10.12 -15.49
N VAL A 24 -4.14 -10.24 -14.29
CA VAL A 24 -3.54 -9.08 -13.60
C VAL A 24 -2.00 -9.04 -13.70
N PRO A 25 -1.42 -7.86 -13.95
CA PRO A 25 0.03 -7.67 -14.08
C PRO A 25 0.79 -7.66 -12.75
N PHE A 26 1.84 -8.48 -12.65
CA PHE A 26 2.69 -8.52 -11.45
C PHE A 26 4.16 -8.34 -11.83
N PRO A 27 4.94 -7.61 -11.02
CA PRO A 27 6.35 -7.41 -11.33
C PRO A 27 7.10 -8.74 -11.22
N VAL A 28 7.91 -9.05 -12.23
CA VAL A 28 8.71 -10.29 -12.25
C VAL A 28 9.81 -10.24 -11.19
N GLY A 29 10.11 -11.39 -10.58
CA GLY A 29 11.17 -11.42 -9.58
C GLY A 29 10.75 -11.36 -8.11
N LEU A 30 9.94 -10.37 -7.76
CA LEU A 30 9.49 -10.25 -6.37
C LEU A 30 8.16 -10.97 -6.16
N TYR A 31 7.60 -11.52 -7.24
CA TYR A 31 6.33 -12.23 -7.19
C TYR A 31 6.38 -13.40 -8.16
N SER A 32 5.56 -14.41 -7.91
CA SER A 32 5.50 -15.58 -8.79
C SER A 32 4.12 -16.23 -8.75
N LEU A 33 3.84 -17.03 -9.76
CA LEU A 33 2.57 -17.75 -9.84
C LEU A 33 2.34 -18.45 -8.50
N GLU A 34 3.39 -19.12 -8.01
CA GLU A 34 3.34 -19.85 -6.75
C GLU A 34 3.07 -18.95 -5.54
N SER A 35 3.81 -17.85 -5.41
CA SER A 35 3.62 -16.97 -4.26
C SER A 35 2.23 -16.35 -4.21
N ILE A 36 1.73 -15.92 -5.37
CA ILE A 36 0.39 -15.32 -5.45
C ILE A 36 -0.67 -16.39 -5.15
N SER A 37 -0.53 -17.54 -5.80
CA SER A 37 -1.45 -18.64 -5.60
C SER A 37 -1.52 -19.07 -4.14
N LEU A 38 -0.38 -19.04 -3.46
CA LEU A 38 -0.34 -19.40 -2.05
C LEU A 38 -1.21 -18.47 -1.22
N ALA A 39 -1.00 -17.17 -1.39
CA ALA A 39 -1.75 -16.18 -0.64
C ALA A 39 -3.24 -16.26 -0.96
N GLU A 40 -3.54 -16.55 -2.22
CA GLU A 40 -4.93 -16.64 -2.67
C GLU A 40 -5.69 -17.81 -2.05
N ASN A 41 -5.07 -18.98 -2.08
CA ASN A 41 -5.67 -20.21 -1.59
C ASN A 41 -5.29 -20.73 -0.21
N THR A 42 -4.52 -20.00 0.58
CA THR A 42 -4.18 -20.53 1.89
C THR A 42 -5.42 -20.54 2.78
N GLN A 43 -5.40 -21.46 3.74
CA GLN A 43 -6.49 -21.60 4.68
C GLN A 43 -6.11 -20.96 6.01
N ASP A 44 -4.85 -20.52 6.10
CA ASP A 44 -4.33 -19.92 7.33
C ASP A 44 -4.69 -18.45 7.52
N VAL A 45 -5.95 -18.19 7.87
CA VAL A 45 -6.42 -16.84 8.14
C VAL A 45 -6.97 -16.97 9.55
N ARG A 46 -6.48 -16.12 10.45
CA ARG A 46 -6.88 -16.20 11.84
C ARG A 46 -7.79 -15.06 12.27
N ASP A 47 -8.63 -15.34 13.26
CA ASP A 47 -9.58 -14.37 13.80
C ASP A 47 -8.98 -13.02 14.19
N ASP A 48 -7.76 -13.04 14.72
CA ASP A 48 -7.14 -11.79 15.13
C ASP A 48 -6.08 -11.25 14.15
N ASP A 49 -6.01 -11.85 12.96
CA ASP A 49 -5.10 -11.38 11.94
C ASP A 49 -5.55 -9.99 11.52
N ILE A 50 -4.61 -9.15 11.12
CA ILE A 50 -4.90 -7.80 10.66
C ILE A 50 -4.25 -7.66 9.30
N PHE A 51 -5.03 -7.19 8.32
CA PHE A 51 -4.55 -7.01 6.95
C PHE A 51 -4.63 -5.54 6.52
N ILE A 52 -3.58 -5.05 5.87
CA ILE A 52 -3.59 -3.69 5.36
C ILE A 52 -3.62 -3.90 3.84
N ILE A 53 -4.66 -3.38 3.20
CA ILE A 53 -4.82 -3.55 1.76
C ILE A 53 -4.87 -2.21 1.05
N THR A 54 -4.14 -2.09 -0.04
CA THR A 54 -4.11 -0.85 -0.81
C THR A 54 -3.73 -1.06 -2.26
N TYR A 55 -4.01 -0.06 -3.07
CA TYR A 55 -3.59 -0.08 -4.46
C TYR A 55 -2.20 0.57 -4.25
N PRO A 56 -1.16 0.06 -4.91
CA PRO A 56 0.19 0.65 -4.75
C PRO A 56 0.26 2.18 -4.75
N LYS A 57 1.10 2.71 -3.86
CA LYS A 57 1.35 4.15 -3.67
C LYS A 57 0.21 4.95 -3.06
N SER A 58 -0.63 4.28 -2.27
CA SER A 58 -1.75 4.98 -1.63
C SER A 58 -1.45 5.37 -0.18
N GLY A 59 -0.24 5.06 0.27
CA GLY A 59 0.16 5.38 1.63
C GLY A 59 0.19 4.16 2.55
N THR A 60 0.49 3.00 1.97
CA THR A 60 0.56 1.75 2.71
C THR A 60 1.56 1.87 3.88
N THR A 61 2.74 2.39 3.55
CA THR A 61 3.80 2.57 4.52
C THR A 61 3.28 3.35 5.71
N TRP A 62 2.50 4.39 5.45
CA TRP A 62 1.94 5.20 6.52
C TRP A 62 1.10 4.34 7.46
N MET A 63 0.08 3.69 6.90
CA MET A 63 -0.83 2.85 7.69
C MET A 63 -0.08 1.76 8.46
N ILE A 64 0.91 1.15 7.83
CA ILE A 64 1.71 0.10 8.46
C ILE A 64 2.40 0.63 9.72
N GLU A 65 3.03 1.80 9.61
CA GLU A 65 3.74 2.39 10.72
C GLU A 65 2.75 2.74 11.82
N ILE A 66 1.59 3.26 11.43
CA ILE A 66 0.58 3.65 12.42
C ILE A 66 0.16 2.46 13.26
N ILE A 67 -0.11 1.34 12.62
CA ILE A 67 -0.57 0.17 13.34
C ILE A 67 0.53 -0.49 14.17
N CYS A 68 1.76 -0.46 13.66
CA CYS A 68 2.88 -1.04 14.41
C CYS A 68 3.00 -0.27 15.72
N LEU A 69 2.76 1.03 15.65
CA LEU A 69 2.82 1.88 16.83
C LEU A 69 1.66 1.56 17.76
N ILE A 70 0.45 1.44 17.19
CA ILE A 70 -0.73 1.12 17.99
C ILE A 70 -0.56 -0.19 18.75
N LEU A 71 -0.08 -1.22 18.06
CA LEU A 71 0.14 -2.53 18.66
C LEU A 71 1.08 -2.50 19.87
N LYS A 72 2.11 -1.65 19.80
CA LYS A 72 3.06 -1.53 20.89
C LYS A 72 2.68 -0.36 21.79
N GLU A 73 1.43 0.08 21.63
CA GLU A 73 0.87 1.17 22.40
C GLU A 73 1.69 2.45 22.47
N GLY A 74 2.24 2.88 21.35
CA GLY A 74 3.01 4.12 21.34
C GLY A 74 4.52 4.00 21.49
N ASP A 75 4.99 2.83 21.91
CA ASP A 75 6.42 2.58 22.09
C ASP A 75 7.08 2.37 20.73
N PRO A 76 8.00 3.28 20.33
CA PRO A 76 8.74 3.27 19.06
C PRO A 76 9.81 2.20 18.92
N SER A 77 10.08 1.49 20.00
CA SER A 77 11.14 0.49 19.98
C SER A 77 11.10 -0.50 18.83
N TRP A 78 9.93 -1.06 18.54
CA TRP A 78 9.79 -2.03 17.47
C TRP A 78 10.02 -1.42 16.09
N ILE A 79 9.47 -0.24 15.83
CA ILE A 79 9.66 0.40 14.53
C ILE A 79 11.07 0.98 14.37
N ARG A 80 11.78 1.18 15.48
CA ARG A 80 13.14 1.71 15.42
C ARG A 80 14.15 0.62 15.15
N SER A 81 13.87 -0.59 15.63
CA SER A 81 14.81 -1.70 15.47
C SER A 81 14.48 -2.78 14.44
N VAL A 82 13.24 -2.87 14.00
CA VAL A 82 12.88 -3.89 13.02
C VAL A 82 12.45 -3.27 11.70
N PRO A 83 12.98 -3.78 10.56
CA PRO A 83 12.59 -3.20 9.27
C PRO A 83 11.09 -3.36 9.01
N ILE A 84 10.50 -2.32 8.44
CA ILE A 84 9.07 -2.29 8.17
C ILE A 84 8.48 -3.49 7.41
N TRP A 85 9.20 -3.99 6.41
CA TRP A 85 8.69 -5.13 5.64
C TRP A 85 8.70 -6.43 6.45
N GLU A 86 9.31 -6.38 7.63
CA GLU A 86 9.35 -7.55 8.50
C GLU A 86 8.27 -7.42 9.56
N ARG A 87 7.90 -6.19 9.88
CA ARG A 87 6.87 -5.95 10.88
C ARG A 87 5.47 -6.20 10.32
N ALA A 88 5.31 -6.07 9.01
CA ALA A 88 4.01 -6.28 8.35
C ALA A 88 4.26 -6.85 6.96
N PRO A 89 4.72 -8.11 6.87
CA PRO A 89 5.03 -8.83 5.64
C PRO A 89 3.92 -8.85 4.60
N TRP A 90 4.32 -8.96 3.34
CA TRP A 90 3.39 -8.98 2.24
C TRP A 90 2.89 -10.39 1.96
N CYS A 91 1.60 -10.52 1.69
CA CYS A 91 0.98 -11.81 1.43
C CYS A 91 1.39 -12.49 0.13
N GLU A 92 1.40 -11.72 -0.97
CA GLU A 92 1.69 -12.25 -2.30
C GLU A 92 3.14 -12.36 -2.78
N THR A 93 4.08 -11.73 -2.09
CA THR A 93 5.48 -11.78 -2.50
C THR A 93 6.13 -13.17 -2.34
N ILE A 94 7.21 -13.40 -3.09
CA ILE A 94 7.93 -14.68 -3.02
C ILE A 94 8.17 -15.13 -1.59
N VAL A 95 8.59 -14.19 -0.76
CA VAL A 95 8.83 -14.49 0.65
C VAL A 95 7.71 -13.78 1.39
N GLY A 96 6.52 -14.37 1.37
CA GLY A 96 5.37 -13.77 2.01
C GLY A 96 5.21 -14.09 3.48
N ALA A 97 4.16 -13.52 4.07
CA ALA A 97 3.87 -13.72 5.48
C ALA A 97 3.34 -15.14 5.68
N PHE A 98 2.90 -15.77 4.59
CA PHE A 98 2.35 -17.12 4.62
C PHE A 98 3.43 -18.18 4.44
N SER A 99 4.65 -17.75 4.15
CA SER A 99 5.78 -18.67 3.97
C SER A 99 6.87 -18.29 4.99
N LEU A 100 6.43 -17.99 6.21
CA LEU A 100 7.32 -17.61 7.30
C LEU A 100 6.72 -18.10 8.63
N PRO A 101 7.60 -18.48 9.59
CA PRO A 101 7.16 -18.96 10.91
C PRO A 101 6.45 -17.90 11.74
N ASP A 102 5.49 -18.34 12.56
CA ASP A 102 4.73 -17.44 13.44
C ASP A 102 5.68 -16.69 14.37
N GLN A 103 5.91 -15.40 14.09
CA GLN A 103 6.84 -14.61 14.93
C GLN A 103 6.17 -13.48 15.71
N TYR A 104 4.87 -13.28 15.50
CA TYR A 104 4.13 -12.23 16.21
C TYR A 104 2.75 -12.74 16.61
N SER A 105 2.33 -12.40 17.82
CA SER A 105 1.03 -12.81 18.34
C SER A 105 -0.03 -12.33 17.35
N PRO A 106 -0.54 -11.08 17.49
CA PRO A 106 -1.54 -10.72 16.47
C PRO A 106 -0.74 -10.50 15.19
N ARG A 107 -1.02 -11.27 14.14
CA ARG A 107 -0.27 -11.11 12.89
C ARG A 107 -0.73 -9.88 12.11
N LEU A 108 0.23 -9.10 11.64
CA LEU A 108 -0.04 -7.90 10.83
C LEU A 108 0.57 -8.18 9.46
N MET A 109 -0.25 -8.11 8.42
CA MET A 109 0.20 -8.40 7.07
C MET A 109 -0.25 -7.32 6.08
N SER A 110 0.40 -7.25 4.94
CA SER A 110 0.06 -6.24 3.94
C SER A 110 -0.19 -6.89 2.58
N SER A 111 -1.00 -6.24 1.76
CA SER A 111 -1.29 -6.77 0.43
C SER A 111 -1.78 -5.70 -0.53
N HIS A 112 -1.45 -5.89 -1.80
CA HIS A 112 -1.89 -4.99 -2.87
C HIS A 112 -2.86 -5.76 -3.79
N LEU A 113 -3.21 -6.98 -3.40
CA LEU A 113 -4.09 -7.80 -4.23
C LEU A 113 -5.50 -7.27 -4.38
N PRO A 114 -6.04 -7.31 -5.61
CA PRO A 114 -7.42 -6.83 -5.82
C PRO A 114 -8.33 -7.90 -5.23
N ILE A 115 -9.54 -7.54 -4.81
CA ILE A 115 -10.45 -8.49 -4.18
C ILE A 115 -10.71 -9.85 -4.83
N GLN A 116 -10.65 -9.96 -6.16
CA GLN A 116 -10.90 -11.26 -6.76
C GLN A 116 -9.71 -12.21 -6.66
N ILE A 117 -8.58 -11.72 -6.14
CA ILE A 117 -7.40 -12.57 -5.99
C ILE A 117 -6.95 -12.68 -4.52
N PHE A 118 -7.32 -11.71 -3.70
CA PHE A 118 -6.95 -11.75 -2.28
C PHE A 118 -7.44 -13.05 -1.64
N THR A 119 -6.73 -13.47 -0.60
CA THR A 119 -7.01 -14.69 0.16
C THR A 119 -8.49 -15.02 0.31
N LYS A 120 -8.97 -15.98 -0.50
CA LYS A 120 -10.38 -16.36 -0.49
C LYS A 120 -10.94 -16.80 0.86
N ALA A 121 -10.12 -17.45 1.68
CA ALA A 121 -10.58 -17.90 3.00
C ALA A 121 -10.95 -16.72 3.90
N PHE A 122 -10.66 -15.51 3.44
CA PHE A 122 -10.97 -14.32 4.23
C PHE A 122 -12.46 -14.03 4.35
N PHE A 123 -13.21 -14.27 3.29
CA PHE A 123 -14.63 -13.97 3.28
C PHE A 123 -15.47 -14.63 4.37
N SER A 124 -15.03 -15.78 4.86
CA SER A 124 -15.73 -16.46 5.93
C SER A 124 -14.95 -16.40 7.25
N SER A 125 -14.01 -15.47 7.35
CA SER A 125 -13.20 -15.34 8.57
C SER A 125 -13.62 -14.12 9.37
N LYS A 126 -13.00 -13.93 10.54
CA LYS A 126 -13.29 -12.78 11.38
C LYS A 126 -12.10 -11.82 11.32
N ALA A 127 -11.09 -12.19 10.54
CA ALA A 127 -9.89 -11.37 10.36
C ALA A 127 -10.30 -9.96 9.98
N LYS A 128 -9.48 -9.00 10.37
CA LYS A 128 -9.78 -7.59 10.09
C LYS A 128 -8.99 -7.03 8.91
N VAL A 129 -9.65 -6.17 8.13
CA VAL A 129 -9.03 -5.56 6.96
C VAL A 129 -9.18 -4.06 6.99
N ILE A 130 -8.08 -3.35 6.76
CA ILE A 130 -8.15 -1.90 6.66
C ILE A 130 -7.79 -1.65 5.20
N TYR A 131 -8.73 -1.10 4.43
CA TYR A 131 -8.46 -0.76 3.05
C TYR A 131 -8.23 0.73 3.01
N MET A 132 -7.16 1.15 2.35
CA MET A 132 -6.84 2.57 2.29
C MET A 132 -6.80 3.05 0.84
N GLY A 133 -7.45 4.18 0.58
CA GLY A 133 -7.45 4.72 -0.77
C GLY A 133 -6.84 6.10 -0.81
N ARG A 134 -6.42 6.53 -2.00
CA ARG A 134 -5.82 7.85 -2.17
C ARG A 134 -6.26 8.44 -3.51
N ASN A 135 -6.22 9.76 -3.63
CA ASN A 135 -6.59 10.41 -4.89
C ASN A 135 -5.79 9.69 -5.97
N PRO A 136 -6.47 9.06 -6.93
CA PRO A 136 -5.76 8.36 -8.00
C PRO A 136 -4.79 9.22 -8.80
N ARG A 137 -5.02 10.53 -8.83
CA ARG A 137 -4.13 11.44 -9.55
C ARG A 137 -2.78 11.51 -8.83
N ASP A 138 -2.81 11.59 -7.51
CA ASP A 138 -1.58 11.63 -6.72
C ASP A 138 -0.95 10.25 -6.75
N VAL A 139 -1.78 9.23 -6.95
CA VAL A 139 -1.26 7.87 -6.99
C VAL A 139 -0.43 7.70 -8.26
N VAL A 140 -0.91 8.29 -9.35
CA VAL A 140 -0.23 8.19 -10.64
C VAL A 140 1.15 8.82 -10.55
N VAL A 141 1.20 10.01 -9.96
CA VAL A 141 2.43 10.75 -9.85
C VAL A 141 3.44 9.99 -8.98
N SER A 142 2.99 9.56 -7.80
CA SER A 142 3.83 8.83 -6.87
C SER A 142 4.39 7.57 -7.52
N LEU A 143 3.55 6.89 -8.27
CA LEU A 143 3.94 5.67 -8.95
C LEU A 143 4.89 5.94 -10.11
N TYR A 144 4.76 7.11 -10.74
CA TYR A 144 5.61 7.48 -11.85
C TYR A 144 7.06 7.63 -11.40
N HIS A 145 7.27 8.41 -10.34
CA HIS A 145 8.61 8.63 -9.83
C HIS A 145 9.19 7.35 -9.22
N TYR A 146 8.39 6.67 -8.40
CA TYR A 146 8.84 5.45 -7.76
C TYR A 146 9.34 4.41 -8.77
N SER A 147 8.68 4.33 -9.91
CA SER A 147 9.06 3.37 -10.94
C SER A 147 10.48 3.58 -11.47
N LYS A 148 10.91 4.83 -11.53
CA LYS A 148 12.24 5.15 -12.02
C LYS A 148 13.34 4.59 -11.09
N ILE A 149 13.06 4.53 -9.81
CA ILE A 149 14.06 4.03 -8.85
C ILE A 149 13.77 2.62 -8.33
N ALA A 150 12.59 2.08 -8.66
CA ALA A 150 12.22 0.74 -8.21
C ALA A 150 12.73 -0.33 -9.16
N GLY A 151 13.58 -1.21 -8.65
CA GLY A 151 14.16 -2.25 -9.48
C GLY A 151 13.19 -3.21 -10.15
N GLN A 152 12.12 -3.58 -9.44
CA GLN A 152 11.14 -4.53 -9.98
C GLN A 152 10.25 -3.93 -11.06
N LEU A 153 10.13 -2.61 -11.09
CA LEU A 153 9.29 -1.92 -12.06
C LEU A 153 10.02 -1.44 -13.30
N LYS A 154 9.36 -1.55 -14.45
CA LYS A 154 9.95 -1.10 -15.70
C LYS A 154 9.89 0.42 -15.71
N ASP A 155 10.74 1.06 -16.51
CA ASP A 155 10.73 2.52 -16.60
C ASP A 155 9.34 2.99 -17.09
N PRO A 156 8.83 4.10 -16.53
CA PRO A 156 7.52 4.70 -16.84
C PRO A 156 7.37 5.21 -18.26
N GLY A 157 8.45 5.79 -18.79
CA GLY A 157 8.39 6.35 -20.12
C GLY A 157 8.03 7.80 -19.91
N THR A 158 7.32 8.40 -20.85
CA THR A 158 6.94 9.79 -20.71
C THR A 158 5.74 9.93 -19.77
N PRO A 159 5.61 11.09 -19.10
CA PRO A 159 4.50 11.30 -18.20
C PRO A 159 3.21 10.95 -18.93
N ASP A 160 3.14 11.37 -20.19
CA ASP A 160 1.96 11.13 -20.99
C ASP A 160 1.70 9.67 -21.34
N GLN A 161 2.75 8.91 -21.66
CA GLN A 161 2.54 7.51 -22.00
C GLN A 161 2.23 6.70 -20.75
N PHE A 162 2.86 7.06 -19.64
CA PHE A 162 2.61 6.36 -18.39
C PHE A 162 1.16 6.57 -17.95
N LEU A 163 0.63 7.76 -18.19
CA LEU A 163 -0.75 8.06 -17.80
C LEU A 163 -1.75 7.22 -18.57
N ARG A 164 -1.46 6.94 -19.84
CA ARG A 164 -2.34 6.14 -20.67
C ARG A 164 -2.33 4.70 -20.16
N ASP A 165 -1.16 4.22 -19.78
CA ASP A 165 -1.04 2.87 -19.26
C ASP A 165 -1.82 2.74 -17.95
N PHE A 166 -1.72 3.76 -17.10
CA PHE A 166 -2.41 3.76 -15.84
C PHE A 166 -3.92 3.66 -16.05
N LEU A 167 -4.44 4.54 -16.92
CA LEU A 167 -5.87 4.54 -17.20
C LEU A 167 -6.40 3.24 -17.78
N LYS A 168 -5.54 2.49 -18.45
CA LYS A 168 -5.97 1.22 -19.03
C LYS A 168 -5.65 0.06 -18.11
N GLY A 169 -5.11 0.36 -16.93
CA GLY A 169 -4.78 -0.70 -16.00
C GLY A 169 -3.56 -1.50 -16.44
N GLU A 170 -2.75 -0.89 -17.30
CA GLU A 170 -1.54 -1.55 -17.79
C GLU A 170 -0.37 -1.31 -16.86
N VAL A 171 -0.59 -1.53 -15.58
CA VAL A 171 0.44 -1.35 -14.57
C VAL A 171 0.31 -2.47 -13.53
N GLN A 172 1.27 -2.55 -12.62
CA GLN A 172 1.26 -3.57 -11.59
C GLN A 172 -0.04 -3.56 -10.81
N PHE A 173 -0.59 -4.76 -10.57
CA PHE A 173 -1.82 -4.91 -9.81
C PHE A 173 -3.08 -4.41 -10.54
N GLY A 174 -2.96 -4.17 -11.84
CA GLY A 174 -4.09 -3.75 -12.62
C GLY A 174 -4.68 -2.35 -12.42
N SER A 175 -5.93 -2.23 -12.84
CA SER A 175 -6.68 -0.98 -12.77
C SER A 175 -6.98 -0.47 -11.35
N TRP A 176 -6.74 0.80 -11.13
CA TRP A 176 -7.01 1.44 -9.85
C TRP A 176 -8.51 1.42 -9.64
N PHE A 177 -9.25 1.71 -10.71
CA PHE A 177 -10.71 1.73 -10.65
C PHE A 177 -11.30 0.42 -10.21
N ASP A 178 -10.90 -0.66 -10.89
CA ASP A 178 -11.40 -1.98 -10.53
C ASP A 178 -10.98 -2.33 -9.11
N HIS A 179 -9.74 -2.00 -8.76
CA HIS A 179 -9.20 -2.29 -7.43
C HIS A 179 -10.09 -1.73 -6.33
N ILE A 180 -10.26 -0.41 -6.32
CA ILE A 180 -11.06 0.19 -5.28
C ILE A 180 -12.56 -0.12 -5.37
N LYS A 181 -13.11 -0.26 -6.57
CA LYS A 181 -14.53 -0.60 -6.70
C LYS A 181 -14.78 -1.99 -6.12
N GLY A 182 -13.89 -2.94 -6.42
CA GLY A 182 -14.07 -4.29 -5.90
C GLY A 182 -14.00 -4.36 -4.37
N TRP A 183 -12.96 -3.76 -3.78
CA TRP A 183 -12.81 -3.78 -2.34
C TRP A 183 -13.89 -3.03 -1.57
N LEU A 184 -14.46 -1.98 -2.15
CA LEU A 184 -15.52 -1.27 -1.43
C LEU A 184 -16.77 -2.17 -1.35
N ARG A 185 -16.77 -3.32 -2.03
CA ARG A 185 -17.93 -4.17 -1.90
C ARG A 185 -18.00 -4.77 -0.49
N MET A 186 -16.97 -4.54 0.31
CA MET A 186 -16.91 -5.07 1.67
C MET A 186 -17.46 -4.05 2.65
N LYS A 187 -17.72 -2.83 2.17
CA LYS A 187 -18.25 -1.79 3.04
C LYS A 187 -19.50 -2.32 3.74
N GLY A 188 -19.58 -2.13 5.05
CA GLY A 188 -20.73 -2.63 5.78
C GLY A 188 -20.34 -3.69 6.79
N LYS A 189 -19.38 -4.55 6.42
CA LYS A 189 -18.94 -5.60 7.33
C LYS A 189 -18.21 -4.90 8.49
N ASP A 190 -18.37 -5.43 9.70
CA ASP A 190 -17.72 -4.79 10.84
C ASP A 190 -16.24 -5.09 10.95
N ASN A 191 -15.75 -6.06 10.17
CA ASN A 191 -14.34 -6.41 10.20
C ASN A 191 -13.64 -5.85 8.96
N PHE A 192 -14.15 -4.71 8.48
CA PHE A 192 -13.59 -4.04 7.31
C PHE A 192 -13.67 -2.53 7.56
N LEU A 193 -12.57 -1.84 7.28
CA LEU A 193 -12.53 -0.39 7.45
C LEU A 193 -11.95 0.26 6.20
N PHE A 194 -12.66 1.25 5.67
CA PHE A 194 -12.20 1.99 4.49
C PHE A 194 -11.79 3.37 4.95
N ILE A 195 -10.53 3.74 4.71
CA ILE A 195 -10.06 5.05 5.13
C ILE A 195 -9.15 5.61 4.03
N THR A 196 -8.98 6.93 3.98
CA THR A 196 -8.18 7.53 2.94
C THR A 196 -6.94 8.33 3.35
N TYR A 197 -5.97 8.35 2.44
CA TYR A 197 -4.73 9.08 2.62
C TYR A 197 -5.08 10.52 2.97
N GLU A 198 -6.13 11.03 2.32
CA GLU A 198 -6.59 12.40 2.53
C GLU A 198 -7.07 12.64 3.97
N GLU A 199 -7.73 11.65 4.54
CA GLU A 199 -8.22 11.79 5.91
C GLU A 199 -7.07 11.81 6.92
N LEU A 200 -6.07 10.97 6.70
CA LEU A 200 -4.92 10.96 7.60
C LEU A 200 -4.17 12.29 7.52
N GLN A 201 -4.20 12.92 6.34
CA GLN A 201 -3.55 14.20 6.14
C GLN A 201 -4.33 15.33 6.81
N GLN A 202 -5.66 15.20 6.79
CA GLN A 202 -6.51 16.22 7.37
C GLN A 202 -6.55 16.21 8.89
N ASP A 203 -6.57 15.01 9.47
CA ASP A 203 -6.59 14.85 10.92
C ASP A 203 -5.99 13.50 11.28
N LEU A 204 -4.67 13.50 11.48
CA LEU A 204 -3.97 12.26 11.81
C LEU A 204 -4.38 11.67 13.15
N GLN A 205 -4.50 12.50 14.18
CA GLN A 205 -4.89 11.97 15.48
C GLN A 205 -6.29 11.36 15.35
N GLY A 206 -7.19 12.10 14.73
CA GLY A 206 -8.55 11.61 14.54
C GLY A 206 -8.58 10.28 13.81
N SER A 207 -7.79 10.16 12.76
CA SER A 207 -7.74 8.91 12.01
C SER A 207 -7.21 7.79 12.88
N VAL A 208 -6.18 8.10 13.68
CA VAL A 208 -5.58 7.10 14.55
C VAL A 208 -6.59 6.57 15.55
N GLU A 209 -7.43 7.46 16.08
CA GLU A 209 -8.45 7.05 17.04
C GLU A 209 -9.47 6.13 16.38
N ARG A 210 -9.82 6.41 15.13
CA ARG A 210 -10.77 5.58 14.39
C ARG A 210 -10.17 4.19 14.18
N ILE A 211 -8.88 4.15 13.88
CA ILE A 211 -8.24 2.86 13.65
C ILE A 211 -8.10 2.08 14.95
N CYS A 212 -8.02 2.80 16.07
CA CYS A 212 -7.91 2.16 17.38
C CYS A 212 -9.26 1.54 17.73
N GLY A 213 -10.33 2.30 17.48
CA GLY A 213 -11.65 1.81 17.75
C GLY A 213 -11.90 0.57 16.91
N PHE A 214 -11.63 0.68 15.61
CA PHE A 214 -11.84 -0.43 14.70
C PHE A 214 -11.11 -1.68 15.14
N LEU A 215 -9.88 -1.52 15.63
CA LEU A 215 -9.09 -2.66 16.06
C LEU A 215 -9.39 -3.11 17.48
N GLY A 216 -10.11 -2.28 18.23
CA GLY A 216 -10.43 -2.62 19.60
C GLY A 216 -9.19 -2.43 20.47
N ARG A 217 -8.43 -1.38 20.19
CA ARG A 217 -7.21 -1.08 20.93
C ARG A 217 -7.10 0.39 21.33
N PRO A 218 -7.83 0.79 22.38
CA PRO A 218 -7.87 2.16 22.93
C PRO A 218 -6.49 2.59 23.40
N LEU A 219 -6.22 3.89 23.38
CA LEU A 219 -4.93 4.41 23.81
C LEU A 219 -5.08 5.68 24.64
N GLY A 220 -4.20 5.82 25.63
CA GLY A 220 -4.23 7.01 26.46
C GLY A 220 -3.71 8.20 25.68
N LYS A 221 -3.95 9.41 26.19
CA LYS A 221 -3.51 10.63 25.52
C LYS A 221 -2.02 10.56 25.19
N GLU A 222 -1.29 9.86 26.05
CA GLU A 222 0.15 9.71 25.89
C GLU A 222 0.54 8.85 24.70
N ALA A 223 0.13 7.58 24.73
CA ALA A 223 0.44 6.65 23.67
C ALA A 223 -0.08 7.16 22.33
N LEU A 224 -1.25 7.78 22.38
CA LEU A 224 -1.90 8.34 21.18
C LEU A 224 -0.95 9.37 20.58
N GLY A 225 -0.61 10.39 21.36
CA GLY A 225 0.28 11.43 20.88
C GLY A 225 1.57 10.87 20.34
N SER A 226 2.03 9.76 20.91
CA SER A 226 3.26 9.12 20.45
C SER A 226 3.07 8.51 19.07
N VAL A 227 1.99 7.74 18.89
CA VAL A 227 1.67 7.11 17.61
C VAL A 227 1.66 8.19 16.53
N VAL A 228 1.03 9.32 16.86
CA VAL A 228 0.93 10.46 15.97
C VAL A 228 2.30 11.06 15.63
N ALA A 229 3.09 11.33 16.67
CA ALA A 229 4.41 11.92 16.50
C ALA A 229 5.29 11.09 15.57
N HIS A 230 5.35 9.79 15.83
CA HIS A 230 6.17 8.88 15.04
C HIS A 230 5.63 8.50 13.66
N SER A 231 4.35 8.79 13.41
CA SER A 231 3.69 8.48 12.13
C SER A 231 3.82 9.60 11.13
N THR A 232 4.26 10.76 11.60
CA THR A 232 4.40 11.93 10.74
C THR A 232 5.40 11.68 9.63
N PHE A 233 5.18 12.30 8.48
CA PHE A 233 6.06 12.13 7.34
C PHE A 233 7.53 12.39 7.70
N SER A 234 7.82 13.54 8.32
CA SER A 234 9.19 13.87 8.73
C SER A 234 9.82 12.82 9.65
N ALA A 235 9.06 12.34 10.64
CA ALA A 235 9.58 11.33 11.56
C ALA A 235 9.90 10.02 10.84
N MET A 236 8.99 9.61 9.94
CA MET A 236 9.17 8.36 9.21
C MET A 236 10.27 8.46 8.16
N LYS A 237 10.43 9.63 7.56
CA LYS A 237 11.45 9.80 6.56
C LYS A 237 12.84 9.66 7.19
N ALA A 238 12.93 10.00 8.48
CA ALA A 238 14.18 9.91 9.23
C ALA A 238 14.41 8.56 9.92
N ASN A 239 13.46 7.64 9.82
CA ASN A 239 13.61 6.33 10.46
C ASN A 239 14.17 5.29 9.51
N THR A 240 15.47 5.01 9.65
CA THR A 240 16.14 4.06 8.78
C THR A 240 15.42 2.72 8.60
N MET A 241 14.66 2.28 9.60
CA MET A 241 13.94 1.02 9.48
C MET A 241 12.65 1.12 8.68
N SER A 242 12.10 2.33 8.59
CA SER A 242 10.85 2.56 7.88
C SER A 242 10.95 3.27 6.53
N ASN A 243 12.08 3.94 6.28
CA ASN A 243 12.22 4.68 5.03
C ASN A 243 12.85 3.94 3.86
N TYR A 244 13.10 2.64 4.04
CA TYR A 244 13.65 1.82 2.95
C TYR A 244 15.08 2.04 2.48
N THR A 245 15.85 2.85 3.19
CA THR A 245 17.23 3.09 2.79
C THR A 245 18.17 1.89 3.02
N LEU A 246 17.66 0.80 3.60
CA LEU A 246 18.48 -0.38 3.85
C LEU A 246 18.44 -1.39 2.71
N LEU A 247 17.50 -1.19 1.78
CA LEU A 247 17.36 -2.10 0.66
C LEU A 247 18.53 -1.97 -0.32
N PRO A 248 18.85 -3.04 -1.04
CA PRO A 248 19.94 -3.05 -2.03
C PRO A 248 19.72 -1.95 -3.05
N PRO A 249 20.79 -1.27 -3.47
CA PRO A 249 20.64 -0.19 -4.45
C PRO A 249 19.93 -0.64 -5.73
N SER A 250 20.13 -1.89 -6.11
CA SER A 250 19.50 -2.43 -7.32
C SER A 250 17.98 -2.56 -7.18
N LEU A 251 17.52 -2.75 -5.94
CA LEU A 251 16.09 -2.89 -5.66
C LEU A 251 15.46 -1.50 -5.57
N LEU A 252 16.16 -0.59 -4.92
CA LEU A 252 15.68 0.78 -4.77
C LEU A 252 16.90 1.69 -4.88
N ASP A 253 16.95 2.48 -5.95
CA ASP A 253 18.08 3.36 -6.20
C ASP A 253 18.12 4.62 -5.33
N HIS A 254 18.67 4.47 -4.11
CA HIS A 254 18.75 5.55 -3.09
C HIS A 254 19.48 6.76 -3.63
N ARG A 255 20.42 6.45 -4.52
CA ARG A 255 21.23 7.47 -5.17
C ARG A 255 20.40 8.46 -5.99
N ARG A 256 19.32 7.98 -6.61
CA ARG A 256 18.43 8.76 -7.49
C ARG A 256 17.13 9.25 -6.83
N GLY A 257 16.69 8.60 -5.75
CA GLY A 257 15.47 9.06 -5.09
C GLY A 257 15.11 8.32 -3.82
N ALA A 258 14.02 8.76 -3.20
CA ALA A 258 13.55 8.16 -1.95
C ALA A 258 12.12 7.60 -2.04
N PHE A 259 11.83 6.58 -1.26
CA PHE A 259 10.51 5.97 -1.23
C PHE A 259 9.53 7.02 -0.68
N LEU A 260 9.92 7.68 0.40
CA LEU A 260 9.08 8.74 0.96
C LEU A 260 9.53 10.01 0.25
N ARG A 261 8.96 10.20 -0.94
CA ARG A 261 9.24 11.31 -1.84
C ARG A 261 8.80 12.70 -1.35
N LYS A 262 7.49 12.97 -1.29
CA LYS A 262 7.00 14.27 -0.83
C LYS A 262 6.02 14.17 0.33
N GLY A 263 5.11 13.22 0.26
CA GLY A 263 4.15 13.05 1.34
C GLY A 263 3.06 14.09 1.51
N VAL A 264 2.55 14.65 0.41
CA VAL A 264 1.46 15.64 0.51
C VAL A 264 0.31 15.21 -0.40
N CYS A 265 -0.75 16.00 -0.39
CA CYS A 265 -1.91 15.77 -1.25
C CYS A 265 -1.82 16.84 -2.33
N GLY A 266 -2.17 16.49 -3.56
CA GLY A 266 -2.17 17.49 -4.60
C GLY A 266 -0.95 17.68 -5.48
N ASP A 267 0.10 16.89 -5.27
CA ASP A 267 1.28 17.04 -6.11
C ASP A 267 0.94 16.77 -7.57
N TRP A 268 -0.24 16.21 -7.82
CA TRP A 268 -0.63 15.90 -9.19
C TRP A 268 -0.76 17.19 -10.02
N LYS A 269 -1.24 18.26 -9.38
CA LYS A 269 -1.42 19.52 -10.07
C LYS A 269 -0.12 20.09 -10.63
N ASN A 270 1.02 19.59 -10.13
CA ASN A 270 2.31 20.04 -10.60
C ASN A 270 2.83 19.10 -11.68
N HIS A 271 2.13 18.00 -11.95
N HIS A 271 2.06 18.09 -11.95
CA HIS A 271 2.58 17.05 -12.96
CA HIS A 271 2.47 17.11 -13.02
C HIS A 271 1.64 16.85 -14.14
C HIS A 271 1.59 16.95 -14.27
N PHE A 272 0.34 17.02 -13.92
CA PHE A 272 -0.64 16.87 -14.99
C PHE A 272 -0.76 18.17 -15.79
N THR A 273 -0.77 18.07 -17.12
CA THR A 273 -0.99 19.27 -17.92
C THR A 273 -2.51 19.39 -17.88
N VAL A 274 -3.07 20.50 -18.33
CA VAL A 274 -4.53 20.62 -18.30
C VAL A 274 -5.17 19.57 -19.19
N ALA A 275 -4.57 19.29 -20.35
CA ALA A 275 -5.14 18.30 -21.26
C ALA A 275 -5.14 16.92 -20.61
N GLN A 276 -4.06 16.57 -19.92
CA GLN A 276 -4.01 15.28 -19.25
C GLN A 276 -5.04 15.22 -18.13
N SER A 277 -5.24 16.34 -17.45
CA SER A 277 -6.21 16.41 -16.37
C SER A 277 -7.64 16.22 -16.91
N GLU A 278 -7.94 16.81 -18.06
CA GLU A 278 -9.28 16.69 -18.64
C GLU A 278 -9.54 15.28 -19.14
N ALA A 279 -8.51 14.65 -19.72
CA ALA A 279 -8.64 13.30 -20.22
C ALA A 279 -8.82 12.34 -19.05
N PHE A 280 -8.16 12.65 -17.93
CA PHE A 280 -8.28 11.82 -16.75
C PHE A 280 -9.70 11.88 -16.18
N ASP A 281 -10.27 13.08 -16.13
CA ASP A 281 -11.63 13.24 -15.62
C ASP A 281 -12.65 12.49 -16.45
N ARG A 282 -12.43 12.41 -17.76
CA ARG A 282 -13.36 11.70 -18.63
C ARG A 282 -13.32 10.22 -18.27
N ALA A 283 -12.11 9.69 -18.09
CA ALA A 283 -11.92 8.28 -17.75
C ALA A 283 -12.54 8.01 -16.38
N TYR A 284 -12.27 8.89 -15.43
CA TYR A 284 -12.79 8.73 -14.08
C TYR A 284 -14.32 8.75 -14.08
N ARG A 285 -14.91 9.76 -14.70
CA ARG A 285 -16.36 9.91 -14.75
C ARG A 285 -17.06 8.67 -15.31
N LYS A 286 -16.49 8.09 -16.37
CA LYS A 286 -17.04 6.89 -17.00
C LYS A 286 -16.87 5.65 -16.10
N GLN A 287 -15.71 5.51 -15.49
CA GLN A 287 -15.42 4.35 -14.62
C GLN A 287 -16.08 4.47 -13.26
N MET A 288 -16.17 5.67 -12.69
CA MET A 288 -16.76 5.78 -11.37
C MET A 288 -18.20 6.24 -11.36
N ARG A 289 -18.91 5.94 -12.45
CA ARG A 289 -20.29 6.39 -12.62
C ARG A 289 -21.20 6.34 -11.38
N GLY A 290 -21.38 5.15 -10.79
CA GLY A 290 -22.27 5.09 -9.65
C GLY A 290 -21.65 5.18 -8.26
N MET A 291 -20.35 5.38 -8.19
CA MET A 291 -19.64 5.44 -6.91
C MET A 291 -20.02 6.56 -5.95
N PRO A 292 -19.76 6.37 -4.66
CA PRO A 292 -20.10 7.42 -3.69
C PRO A 292 -19.04 8.51 -3.79
N THR A 293 -19.22 9.62 -3.09
CA THR A 293 -18.25 10.72 -3.13
C THR A 293 -17.04 10.45 -2.24
N PHE A 294 -15.84 10.76 -2.74
CA PHE A 294 -14.60 10.57 -2.00
C PHE A 294 -13.97 11.90 -1.65
N PRO A 295 -13.10 11.93 -0.62
CA PRO A 295 -12.50 13.23 -0.30
C PRO A 295 -11.83 13.94 -1.49
N TRP A 296 -11.21 13.16 -2.37
CA TRP A 296 -10.53 13.75 -3.51
C TRP A 296 -11.42 14.22 -4.66
N ASP A 297 -12.72 14.09 -4.50
CA ASP A 297 -13.61 14.54 -5.56
C ASP A 297 -14.01 15.99 -5.32
N GLU A 298 -13.45 16.87 -6.14
CA GLU A 298 -13.70 18.31 -6.08
C GLU A 298 -14.73 18.68 -7.15
NA NA B . 12.35 0.69 -12.29
P1 A3P C . 4.53 10.39 -2.58
O1P A3P C . 5.29 9.64 -3.64
O2P A3P C . 5.45 11.16 -1.72
O3P A3P C . 3.49 11.26 -3.14
P2 A3P C . 2.90 3.26 -0.53
O4P A3P C . 1.52 2.71 -0.63
O5P A3P C . 3.42 3.06 0.83
O6P A3P C . 3.80 2.64 -1.52
O5' A3P C . 2.81 4.82 -0.82
C5' A3P C . 3.93 5.71 -0.76
C4' A3P C . 3.41 7.14 -0.74
O4' A3P C . 2.89 7.42 0.60
C3' A3P C . 4.46 8.21 -1.01
O3' A3P C . 3.81 9.32 -1.66
C2' A3P C . 4.93 8.51 0.40
O2' A3P C . 5.69 9.68 0.60
C1' A3P C . 3.58 8.54 1.14
N9 A3P C . 3.76 8.42 2.59
C8 A3P C . 4.33 7.39 3.32
N7 A3P C . 4.35 7.60 4.61
C5 A3P C . 3.75 8.83 4.76
C6 A3P C . 3.49 9.64 5.88
N6 A3P C . 3.79 9.27 7.13
N1 A3P C . 2.86 10.85 5.69
C2 A3P C . 2.55 11.24 4.43
N3 A3P C . 2.77 10.56 3.27
C4 A3P C . 3.38 9.37 3.52
C1 PLO D . 6.46 -4.94 -2.33
C2 PLO D . 5.40 -3.81 -2.68
C3 PLO D . 5.37 -2.65 -1.64
O3 PLO D . 4.41 -1.60 -1.97
C4 PLO D . 6.79 -1.99 -1.44
C5 PLO D . 7.86 -3.04 -1.08
C6 PLO D . 8.90 -2.77 0.02
C7 PLO D . 10.01 -3.77 0.40
C8 PLO D . 10.07 -5.15 -0.41
C9 PLO D . 8.66 -5.61 -0.90
C10 PLO D . 7.99 -4.51 -1.82
C11 PLO D . 8.73 -6.96 -1.65
C12 PLO D . 9.39 -8.06 -0.80
C13 PLO D . 10.83 -7.66 -0.33
C14 PLO D . 10.68 -6.29 0.45
C15 PLO D . 12.09 -6.12 1.07
C16 PLO D . 12.42 -7.52 1.57
C17 PLO D . 11.48 -8.53 0.82
C18 PLO D . 11.79 -7.55 -1.56
C19 PLO D . 8.70 -4.30 -3.19
C20 PLO D . 12.27 -9.78 0.33
C21 PLO D . 11.47 -10.90 -0.26
O20 PLO D . 13.49 -9.88 0.40
#